data_2P6N
#
_entry.id   2P6N
#
_cell.length_a   68.013
_cell.length_b   68.013
_cell.length_c   305.604
_cell.angle_alpha   90.00
_cell.angle_beta   90.00
_cell.angle_gamma   120.00
#
_symmetry.space_group_name_H-M   'P 65 2 2'
#
_entity_poly.entity_id   1
_entity_poly.type   'polypeptide(L)'
_entity_poly.pdbx_seq_one_letter_code
;MHHHHHHSSGVDLGTENLYFQSMGAASLDVIQEVEYVKEEAKMVYLLECLQKTPPPVLIFAEKKADVDAIHEYLLLKGVE
AVAIHGGKDQEERTKAIEAFREGKKDVLVATDVASKGLDFPAIQHVINYDMPEEIENYVHRIGRTGCSGNTGIATTFINK
ACDESVLMDLKALLLEAKQKVPPVLQVLHCG
;
_entity_poly.pdbx_strand_id   A,B
#
# COMPACT_ATOMS: atom_id res chain seq x y z
N LEU A 28 -3.82 -7.57 5.38
CA LEU A 28 -2.62 -6.67 5.41
C LEU A 28 -1.45 -7.27 4.61
N ASP A 29 -1.33 -8.60 4.56
CA ASP A 29 -0.18 -9.25 3.91
C ASP A 29 -0.63 -10.25 2.83
N VAL A 30 -1.13 -9.65 1.74
CA VAL A 30 -1.62 -10.27 0.48
C VAL A 30 -1.22 -9.37 -0.73
N ILE A 31 -0.99 -9.95 -1.92
CA ILE A 31 -0.69 -9.09 -3.07
C ILE A 31 -1.99 -8.73 -3.78
N GLN A 32 -2.38 -7.46 -3.62
CA GLN A 32 -3.61 -6.91 -4.22
C GLN A 32 -3.39 -6.40 -5.64
N GLU A 33 -4.17 -6.94 -6.56
CA GLU A 33 -4.03 -6.69 -8.00
C GLU A 33 -5.40 -6.16 -8.40
N VAL A 34 -5.53 -4.84 -8.46
CA VAL A 34 -6.79 -4.17 -8.77
C VAL A 34 -6.76 -3.75 -10.24
N GLU A 35 -7.85 -3.97 -10.97
CA GLU A 35 -7.84 -3.85 -12.44
C GLU A 35 -9.18 -3.28 -12.98
N TYR A 36 -9.10 -2.42 -14.00
CA TYR A 36 -10.30 -1.85 -14.62
C TYR A 36 -10.83 -2.84 -15.59
N VAL A 37 -12.08 -3.26 -15.43
CA VAL A 37 -12.68 -4.23 -16.33
C VAL A 37 -14.09 -3.77 -16.58
N LYS A 38 -14.44 -3.49 -17.83
CA LYS A 38 -15.82 -3.13 -18.17
C LYS A 38 -16.70 -4.31 -17.77
N GLU A 39 -17.89 -3.99 -17.26
CA GLU A 39 -18.85 -4.99 -16.81
C GLU A 39 -19.03 -6.09 -17.82
N GLU A 40 -19.13 -5.69 -19.07
CA GLU A 40 -19.36 -6.60 -20.19
C GLU A 40 -18.11 -7.41 -20.56
N ALA A 41 -17.02 -7.25 -19.84
CA ALA A 41 -15.80 -7.99 -20.16
C ALA A 41 -15.32 -8.87 -19.01
N LYS A 42 -15.98 -8.82 -17.86
CA LYS A 42 -15.46 -9.52 -16.68
C LYS A 42 -15.46 -11.04 -16.79
N MET A 43 -16.48 -11.57 -17.42
CA MET A 43 -16.62 -12.99 -17.41
C MET A 43 -15.40 -13.60 -18.11
N VAL A 44 -15.09 -13.08 -19.29
CA VAL A 44 -13.94 -13.57 -20.02
C VAL A 44 -12.64 -13.38 -19.24
N TYR A 45 -12.47 -12.19 -18.69
CA TYR A 45 -11.28 -11.91 -17.94
C TYR A 45 -11.14 -12.81 -16.75
N LEU A 46 -12.28 -13.20 -16.17
CA LEU A 46 -12.27 -14.01 -14.97
C LEU A 46 -11.59 -15.33 -15.25
N LEU A 47 -11.96 -15.94 -16.36
CA LEU A 47 -11.35 -17.19 -16.79
C LEU A 47 -9.85 -17.00 -16.75
N GLU A 48 -9.35 -16.01 -17.49
CA GLU A 48 -7.92 -15.73 -17.50
C GLU A 48 -7.32 -15.59 -16.10
N CYS A 49 -8.01 -14.87 -15.23
CA CYS A 49 -7.54 -14.68 -13.87
C CYS A 49 -7.32 -15.99 -13.12
N LEU A 50 -8.25 -16.93 -13.22
CA LEU A 50 -8.13 -18.16 -12.44
C LEU A 50 -6.72 -18.74 -12.52
N GLN A 51 -6.02 -18.45 -13.60
CA GLN A 51 -4.67 -18.99 -13.82
C GLN A 51 -3.49 -18.31 -13.09
N LYS A 52 -3.69 -17.26 -12.27
CA LYS A 52 -2.54 -16.67 -11.57
C LYS A 52 -2.01 -17.55 -10.42
N THR A 53 -2.66 -18.70 -10.21
CA THR A 53 -2.65 -19.36 -8.94
C THR A 53 -3.13 -20.78 -9.11
N PRO A 54 -2.52 -21.70 -8.38
CA PRO A 54 -3.17 -22.99 -8.23
C PRO A 54 -4.38 -22.79 -7.32
N PRO A 55 -5.32 -23.75 -7.32
CA PRO A 55 -6.44 -23.61 -6.42
C PRO A 55 -5.99 -23.73 -4.98
N PRO A 56 -6.88 -23.44 -4.04
CA PRO A 56 -8.30 -23.05 -4.21
C PRO A 56 -8.50 -21.57 -4.41
N VAL A 57 -9.56 -21.24 -5.15
CA VAL A 57 -9.99 -19.87 -5.50
C VAL A 57 -11.43 -19.50 -5.03
N LEU A 58 -11.56 -18.36 -4.37
CA LEU A 58 -12.82 -17.87 -3.88
C LEU A 58 -13.20 -16.66 -4.72
N ILE A 59 -14.33 -16.72 -5.41
CA ILE A 59 -14.82 -15.57 -6.15
C ILE A 59 -16.01 -15.00 -5.40
N PHE A 60 -15.90 -13.74 -5.07
CA PHE A 60 -16.97 -13.01 -4.41
C PHE A 60 -17.75 -12.08 -5.36
N ALA A 61 -19.07 -12.05 -5.24
CA ALA A 61 -19.92 -11.08 -5.95
C ALA A 61 -21.12 -10.72 -5.06
N GLU A 62 -21.53 -9.44 -5.07
CA GLU A 62 -22.59 -8.99 -4.15
C GLU A 62 -23.93 -9.71 -4.35
N LYS A 63 -24.27 -10.04 -5.60
CA LYS A 63 -25.61 -10.47 -5.99
C LYS A 63 -25.68 -11.92 -6.37
N LYS A 64 -26.86 -12.49 -6.11
CA LYS A 64 -27.12 -13.92 -6.29
C LYS A 64 -27.07 -14.25 -7.77
N ALA A 65 -27.85 -13.50 -8.53
CA ALA A 65 -27.83 -13.53 -9.98
C ALA A 65 -26.39 -13.65 -10.48
N ASP A 66 -25.50 -12.83 -9.96
CA ASP A 66 -24.11 -12.87 -10.41
C ASP A 66 -23.45 -14.17 -10.08
N VAL A 67 -23.54 -14.56 -8.79
CA VAL A 67 -22.89 -15.79 -8.30
C VAL A 67 -23.35 -16.93 -9.19
N ASP A 68 -24.65 -17.00 -9.45
CA ASP A 68 -25.22 -17.98 -10.43
C ASP A 68 -24.60 -17.88 -11.85
N ALA A 69 -24.52 -16.70 -12.42
CA ALA A 69 -23.90 -16.52 -13.77
C ALA A 69 -22.46 -17.06 -13.82
N ILE A 70 -21.65 -16.66 -12.82
CA ILE A 70 -20.23 -16.98 -12.80
C ILE A 70 -20.06 -18.50 -12.67
N HIS A 71 -20.87 -19.12 -11.84
CA HIS A 71 -20.79 -20.55 -11.63
C HIS A 71 -21.13 -21.26 -12.94
N GLU A 72 -22.19 -20.82 -13.62
CA GLU A 72 -22.58 -21.47 -14.87
C GLU A 72 -21.54 -21.30 -15.94
N TYR A 73 -20.92 -20.12 -15.97
CA TYR A 73 -19.90 -19.85 -16.95
C TYR A 73 -18.69 -20.74 -16.69
N LEU A 74 -18.22 -20.76 -15.44
CA LEU A 74 -17.05 -21.55 -15.08
C LEU A 74 -17.27 -23.03 -15.45
N LEU A 75 -18.50 -23.51 -15.23
CA LEU A 75 -18.88 -24.89 -15.54
C LEU A 75 -18.81 -25.10 -17.03
N LEU A 76 -19.45 -24.20 -17.79
CA LEU A 76 -19.44 -24.29 -19.24
C LEU A 76 -18.01 -24.27 -19.80
N LYS A 77 -17.06 -23.67 -19.10
CA LYS A 77 -15.66 -23.68 -19.54
C LYS A 77 -14.84 -24.81 -18.92
N GLY A 78 -15.45 -25.56 -18.00
CA GLY A 78 -14.85 -26.78 -17.45
C GLY A 78 -13.99 -26.57 -16.22
N VAL A 79 -14.46 -25.74 -15.31
CA VAL A 79 -13.74 -25.49 -14.08
C VAL A 79 -14.49 -26.15 -12.94
N GLU A 80 -13.78 -26.83 -12.08
CA GLU A 80 -14.40 -27.48 -10.93
C GLU A 80 -14.94 -26.41 -10.02
N ALA A 81 -16.19 -26.04 -10.19
CA ALA A 81 -16.65 -24.85 -9.53
C ALA A 81 -17.95 -25.09 -8.81
N VAL A 82 -18.03 -24.56 -7.60
CA VAL A 82 -19.24 -24.65 -6.78
C VAL A 82 -19.60 -23.25 -6.32
N ALA A 83 -20.85 -23.10 -5.90
CA ALA A 83 -21.42 -21.81 -5.55
C ALA A 83 -22.24 -21.86 -4.27
N ILE A 84 -22.27 -20.77 -3.50
CA ILE A 84 -23.06 -20.65 -2.26
C ILE A 84 -23.74 -19.28 -2.23
N HIS A 85 -25.05 -19.23 -2.05
CA HIS A 85 -25.71 -17.97 -1.71
C HIS A 85 -27.02 -18.22 -1.00
N GLY A 86 -27.61 -17.17 -0.44
CA GLY A 86 -28.87 -17.26 0.31
C GLY A 86 -30.02 -18.02 -0.33
N GLY A 87 -30.00 -18.18 -1.64
CA GLY A 87 -31.05 -18.89 -2.34
C GLY A 87 -30.81 -20.38 -2.55
N LYS A 88 -29.59 -20.87 -2.29
CA LYS A 88 -29.35 -22.32 -2.31
C LYS A 88 -30.00 -22.98 -1.11
N ASP A 89 -30.57 -24.18 -1.30
CA ASP A 89 -31.13 -24.93 -0.16
C ASP A 89 -29.98 -25.50 0.72
N GLN A 90 -30.32 -26.21 1.78
CA GLN A 90 -29.32 -26.65 2.74
C GLN A 90 -28.43 -27.76 2.20
N GLU A 91 -29.05 -28.66 1.44
CA GLU A 91 -28.36 -29.74 0.75
C GLU A 91 -27.21 -29.14 -0.04
N GLU A 92 -27.54 -28.21 -0.93
CA GLU A 92 -26.56 -27.65 -1.85
C GLU A 92 -25.44 -26.92 -1.12
N ARG A 93 -25.81 -26.03 -0.19
CA ARG A 93 -24.81 -25.23 0.53
C ARG A 93 -23.78 -26.14 1.18
N THR A 94 -24.29 -27.15 1.89
CA THR A 94 -23.47 -28.04 2.67
C THR A 94 -22.51 -28.79 1.74
N LYS A 95 -23.06 -29.37 0.66
CA LYS A 95 -22.30 -30.13 -0.35
C LYS A 95 -21.15 -29.32 -0.97
N ALA A 96 -21.35 -28.01 -1.09
CA ALA A 96 -20.39 -27.15 -1.73
C ALA A 96 -19.38 -26.64 -0.71
N ILE A 97 -19.88 -26.18 0.45
CA ILE A 97 -18.99 -25.63 1.46
C ILE A 97 -17.97 -26.69 1.78
N GLU A 98 -18.35 -27.96 1.61
CA GLU A 98 -17.46 -29.01 2.00
C GLU A 98 -16.62 -29.65 0.90
N ALA A 99 -17.14 -29.74 -0.33
CA ALA A 99 -16.29 -30.15 -1.47
C ALA A 99 -15.13 -29.18 -1.60
N PHE A 100 -15.45 -27.91 -1.43
CA PHE A 100 -14.45 -26.88 -1.43
C PHE A 100 -13.50 -27.09 -0.27
N ARG A 101 -14.02 -27.14 0.94
CA ARG A 101 -13.22 -27.38 2.14
C ARG A 101 -12.37 -28.67 2.13
N GLU A 102 -12.71 -29.66 1.29
CA GLU A 102 -11.86 -30.87 1.16
C GLU A 102 -10.84 -30.76 0.05
N GLY A 103 -11.06 -29.84 -0.88
CA GLY A 103 -10.23 -29.72 -2.06
C GLY A 103 -10.78 -30.52 -3.23
N LYS A 104 -12.06 -30.86 -3.20
CA LYS A 104 -12.61 -31.66 -4.28
C LYS A 104 -13.11 -30.73 -5.36
N LYS A 105 -13.08 -29.43 -5.09
CA LYS A 105 -13.52 -28.44 -6.03
C LYS A 105 -12.55 -27.30 -5.95
N ASP A 106 -12.19 -26.74 -7.10
CA ASP A 106 -11.10 -25.79 -7.18
C ASP A 106 -11.60 -24.40 -6.85
N VAL A 107 -12.82 -24.11 -7.32
CA VAL A 107 -13.35 -22.77 -7.20
C VAL A 107 -14.68 -22.79 -6.46
N LEU A 108 -14.75 -21.93 -5.46
CA LEU A 108 -16.01 -21.58 -4.81
C LEU A 108 -16.37 -20.18 -5.16
N VAL A 109 -17.59 -20.00 -5.63
CA VAL A 109 -18.14 -18.69 -5.91
C VAL A 109 -19.18 -18.41 -4.87
N ALA A 110 -19.10 -17.27 -4.19
CA ALA A 110 -19.93 -16.97 -3.03
C ALA A 110 -20.36 -15.52 -2.97
N THR A 111 -21.47 -15.25 -2.29
CA THR A 111 -21.77 -13.89 -1.83
C THR A 111 -21.07 -13.67 -0.50
N ASP A 112 -20.87 -12.41 -0.13
CA ASP A 112 -20.22 -12.06 1.13
C ASP A 112 -21.05 -12.76 2.25
N VAL A 113 -22.35 -12.47 2.27
CA VAL A 113 -23.25 -12.91 3.37
C VAL A 113 -23.35 -14.43 3.48
N ALA A 114 -23.33 -15.16 2.36
CA ALA A 114 -23.34 -16.64 2.40
C ALA A 114 -22.02 -17.28 2.89
N SER A 115 -20.92 -16.58 2.70
CA SER A 115 -19.59 -17.10 3.03
C SER A 115 -19.18 -16.75 4.42
N LYS A 116 -19.85 -15.78 5.03
CA LYS A 116 -19.52 -15.36 6.39
C LYS A 116 -19.52 -16.53 7.38
N GLY A 117 -18.41 -16.71 8.08
CA GLY A 117 -18.33 -17.70 9.13
C GLY A 117 -17.95 -19.08 8.65
N LEU A 118 -17.96 -19.30 7.34
CA LEU A 118 -17.52 -20.58 6.83
C LEU A 118 -16.04 -20.77 7.17
N ASP A 119 -15.63 -22.03 7.27
CA ASP A 119 -14.25 -22.33 7.57
C ASP A 119 -13.64 -22.74 6.29
N PHE A 120 -12.83 -21.87 5.74
CA PHE A 120 -12.29 -22.12 4.44
C PHE A 120 -10.88 -22.59 4.63
N PRO A 121 -10.35 -23.28 3.62
CA PRO A 121 -8.97 -23.70 3.73
C PRO A 121 -8.04 -22.57 3.29
N ALA A 122 -6.76 -22.87 3.19
CA ALA A 122 -5.78 -21.90 2.69
C ALA A 122 -6.13 -21.50 1.24
N ILE A 123 -6.73 -20.32 1.08
CA ILE A 123 -7.09 -19.80 -0.27
C ILE A 123 -5.90 -19.11 -0.96
N GLN A 124 -5.57 -19.51 -2.19
CA GLN A 124 -4.37 -19.00 -2.88
C GLN A 124 -4.67 -17.65 -3.59
N HIS A 125 -5.96 -17.37 -3.80
CA HIS A 125 -6.42 -16.28 -4.68
C HIS A 125 -7.89 -15.87 -4.39
N VAL A 126 -8.12 -14.64 -3.92
CA VAL A 126 -9.47 -14.06 -3.84
C VAL A 126 -9.73 -13.29 -5.16
N ILE A 127 -10.85 -13.53 -5.84
CA ILE A 127 -11.22 -12.74 -7.02
C ILE A 127 -12.47 -11.97 -6.68
N ASN A 128 -12.34 -10.66 -6.51
CA ASN A 128 -13.50 -9.83 -6.26
C ASN A 128 -14.11 -9.43 -7.61
N TYR A 129 -15.17 -10.12 -8.03
CA TYR A 129 -15.87 -9.79 -9.27
C TYR A 129 -16.57 -8.43 -9.18
N ASP A 130 -16.93 -8.05 -7.97
CA ASP A 130 -17.51 -6.73 -7.62
C ASP A 130 -16.54 -5.94 -6.76
N MET A 131 -16.60 -4.62 -6.83
CA MET A 131 -16.01 -3.81 -5.78
C MET A 131 -17.11 -3.50 -4.75
N PRO A 132 -16.87 -3.77 -3.48
CA PRO A 132 -17.91 -3.41 -2.52
C PRO A 132 -18.06 -1.92 -2.39
N GLU A 133 -19.26 -1.50 -2.00
CA GLU A 133 -19.51 -0.09 -1.78
C GLU A 133 -18.62 0.44 -0.61
N GLU A 134 -18.42 -0.36 0.44
CA GLU A 134 -17.59 0.07 1.59
C GLU A 134 -16.18 -0.53 1.57
N ILE A 135 -15.16 0.27 1.86
CA ILE A 135 -13.79 -0.25 1.78
C ILE A 135 -13.54 -1.30 2.88
N GLU A 136 -14.17 -1.08 4.03
CA GLU A 136 -14.31 -2.06 5.13
C GLU A 136 -14.54 -3.48 4.65
N ASN A 137 -15.48 -3.63 3.71
CA ASN A 137 -15.81 -4.91 3.10
C ASN A 137 -14.75 -5.41 2.15
N TYR A 138 -14.01 -4.52 1.47
CA TYR A 138 -12.98 -4.93 0.51
C TYR A 138 -11.92 -5.69 1.29
N VAL A 139 -11.56 -5.09 2.42
CA VAL A 139 -10.60 -5.64 3.36
C VAL A 139 -11.00 -7.03 3.83
N HIS A 140 -12.21 -7.15 4.35
CA HIS A 140 -12.67 -8.46 4.80
C HIS A 140 -12.59 -9.52 3.71
N ARG A 141 -12.92 -9.16 2.48
CA ARG A 141 -12.84 -10.12 1.42
C ARG A 141 -11.39 -10.50 1.21
N ILE A 142 -10.53 -9.51 0.98
CA ILE A 142 -9.15 -9.81 0.70
C ILE A 142 -8.55 -10.48 1.94
N GLY A 143 -9.12 -10.16 3.11
CA GLY A 143 -8.75 -10.83 4.35
C GLY A 143 -9.05 -12.31 4.39
N ARG A 144 -9.56 -12.86 3.29
CA ARG A 144 -9.78 -14.28 3.21
C ARG A 144 -8.62 -15.01 2.56
N THR A 145 -7.50 -14.32 2.40
CA THR A 145 -6.27 -14.94 1.91
C THR A 145 -5.08 -14.23 2.60
N GLY A 146 -3.98 -14.93 2.87
CA GLY A 146 -2.87 -14.36 3.68
C GLY A 146 -2.40 -15.34 4.74
N CYS A 147 -1.70 -14.85 5.78
CA CYS A 147 -1.18 -15.68 6.93
C CYS A 147 0.12 -16.41 6.70
N THR A 151 1.27 -16.15 1.93
CA THR A 151 0.84 -14.98 1.16
C THR A 151 -0.37 -15.39 0.30
N GLY A 152 -0.61 -14.70 -0.80
CA GLY A 152 -1.74 -14.99 -1.69
C GLY A 152 -2.09 -13.77 -2.52
N ILE A 153 -2.95 -13.93 -3.51
CA ILE A 153 -3.31 -12.85 -4.42
C ILE A 153 -4.77 -12.46 -4.24
N ALA A 154 -5.07 -11.15 -4.18
CA ALA A 154 -6.46 -10.63 -4.30
C ALA A 154 -6.65 -9.78 -5.58
N THR A 155 -7.49 -10.27 -6.50
CA THR A 155 -7.86 -9.52 -7.72
C THR A 155 -9.23 -8.87 -7.59
N THR A 156 -9.32 -7.58 -7.88
CA THR A 156 -10.53 -6.80 -7.71
C THR A 156 -10.84 -6.02 -9.01
N PHE A 157 -12.01 -6.26 -9.56
CA PHE A 157 -12.44 -5.64 -10.79
C PHE A 157 -13.13 -4.33 -10.39
N ILE A 158 -12.61 -3.21 -10.88
CA ILE A 158 -13.25 -1.92 -10.62
C ILE A 158 -13.67 -1.34 -11.97
N ASN A 159 -14.68 -0.47 -11.97
CA ASN A 159 -15.04 0.30 -13.16
C ASN A 159 -15.94 1.55 -12.89
N LYS A 160 -16.54 2.08 -13.96
CA LYS A 160 -17.30 3.33 -13.91
C LYS A 160 -18.25 3.43 -12.71
N ALA A 161 -18.92 2.34 -12.38
CA ALA A 161 -19.98 2.39 -11.37
C ALA A 161 -19.47 2.74 -9.96
N CYS A 162 -18.25 2.38 -9.62
CA CYS A 162 -17.73 2.76 -8.30
C CYS A 162 -17.74 4.26 -8.05
N ASP A 163 -18.19 4.63 -6.85
CA ASP A 163 -18.10 6.01 -6.39
C ASP A 163 -16.65 6.36 -6.10
N GLU A 164 -16.35 7.63 -6.34
CA GLU A 164 -15.04 8.22 -6.08
C GLU A 164 -14.45 7.79 -4.72
N SER A 165 -15.27 7.95 -3.68
CA SER A 165 -14.89 7.68 -2.29
C SER A 165 -14.25 6.32 -2.07
N VAL A 166 -14.89 5.25 -2.54
CA VAL A 166 -14.31 3.90 -2.38
C VAL A 166 -13.02 3.77 -3.18
N LEU A 167 -12.99 4.40 -4.35
CA LEU A 167 -11.79 4.37 -5.18
C LEU A 167 -10.63 5.06 -4.48
N MET A 168 -10.92 6.16 -3.79
CA MET A 168 -9.87 6.88 -3.04
C MET A 168 -9.37 6.03 -1.90
N ASP A 169 -10.29 5.36 -1.21
CA ASP A 169 -9.93 4.46 -0.14
C ASP A 169 -9.23 3.24 -0.67
N LEU A 170 -9.65 2.71 -1.81
CA LEU A 170 -8.87 1.63 -2.39
C LEU A 170 -7.46 2.14 -2.71
N LYS A 171 -7.40 3.37 -3.23
CA LYS A 171 -6.11 3.92 -3.64
C LYS A 171 -5.27 4.12 -2.42
N ALA A 172 -5.87 4.71 -1.40
CA ALA A 172 -5.18 4.96 -0.16
C ALA A 172 -4.63 3.66 0.40
N LEU A 173 -5.40 2.59 0.26
CA LEU A 173 -5.04 1.29 0.81
C LEU A 173 -3.89 0.66 0.03
N LEU A 174 -3.95 0.69 -1.29
CA LEU A 174 -2.89 0.05 -2.06
C LEU A 174 -1.53 0.69 -1.75
N LEU A 175 -1.58 2.01 -1.60
CA LEU A 175 -0.40 2.79 -1.36
C LEU A 175 0.21 2.48 0.00
N GLU A 176 -0.66 2.42 1.02
CA GLU A 176 -0.23 2.02 2.38
C GLU A 176 0.26 0.58 2.38
N ALA A 177 -0.45 -0.27 1.65
CA ALA A 177 -0.03 -1.66 1.50
C ALA A 177 1.21 -1.80 0.66
N LYS A 178 1.66 -0.74 0.00
CA LYS A 178 2.83 -0.79 -0.85
C LYS A 178 2.58 -1.67 -2.05
N GLN A 179 1.40 -1.50 -2.65
CA GLN A 179 0.98 -2.27 -3.82
C GLN A 179 0.93 -1.46 -5.10
N LYS A 180 0.87 -2.16 -6.22
CA LYS A 180 0.66 -1.53 -7.51
C LYS A 180 -0.69 -0.82 -7.50
N VAL A 181 -0.65 0.44 -7.93
CA VAL A 181 -1.87 1.19 -8.18
C VAL A 181 -2.13 1.17 -9.67
N PRO A 182 -3.31 0.73 -10.08
CA PRO A 182 -3.53 0.68 -11.53
C PRO A 182 -3.64 2.11 -12.07
N PRO A 183 -3.47 2.30 -13.38
CA PRO A 183 -3.46 3.65 -14.00
C PRO A 183 -4.67 4.49 -13.65
N VAL A 184 -5.84 3.93 -13.90
CA VAL A 184 -7.11 4.54 -13.61
C VAL A 184 -7.24 5.22 -12.25
N LEU A 185 -6.54 4.68 -11.24
CA LEU A 185 -6.47 5.31 -9.92
C LEU A 185 -5.30 6.27 -9.78
N GLN A 186 -4.27 6.04 -10.59
CA GLN A 186 -3.08 6.87 -10.52
C GLN A 186 -3.39 8.29 -10.89
N VAL A 187 -4.51 8.52 -11.56
CA VAL A 187 -4.88 9.89 -11.86
C VAL A 187 -5.60 10.50 -10.68
N LEU A 188 -6.38 9.72 -9.94
CA LEU A 188 -7.30 10.30 -8.99
C LEU A 188 -6.82 11.62 -8.44
N HIS A 189 -5.71 11.63 -7.72
CA HIS A 189 -5.08 12.92 -7.37
C HIS A 189 -3.63 12.95 -7.77
N CYS A 190 -3.32 13.59 -8.88
CA CYS A 190 -1.94 13.83 -9.29
C CYS A 190 -1.45 15.12 -8.65
N LEU B 28 24.06 18.16 13.97
CA LEU B 28 24.62 18.67 15.26
C LEU B 28 23.63 19.54 16.06
N ASP B 29 22.77 20.33 15.42
CA ASP B 29 21.72 21.07 16.17
C ASP B 29 20.32 20.56 15.79
N VAL B 30 20.19 19.24 15.77
CA VAL B 30 18.99 18.54 15.34
C VAL B 30 18.44 17.73 16.51
N ILE B 31 17.12 17.69 16.69
CA ILE B 31 16.61 16.67 17.59
C ILE B 31 16.21 15.46 16.74
N GLN B 32 16.91 14.35 16.95
CA GLN B 32 16.76 13.16 16.12
C GLN B 32 15.82 12.17 16.75
N GLU B 33 14.73 11.85 16.06
CA GLU B 33 13.67 11.01 16.61
C GLU B 33 13.60 9.76 15.76
N VAL B 34 14.39 8.77 16.18
CA VAL B 34 14.50 7.47 15.52
C VAL B 34 13.41 6.55 16.05
N GLU B 35 12.61 6.00 15.14
CA GLU B 35 11.41 5.22 15.48
C GLU B 35 11.33 3.88 14.75
N TYR B 36 10.77 2.89 15.44
CA TYR B 36 10.52 1.58 14.85
C TYR B 36 9.13 1.62 14.21
N VAL B 37 9.06 1.54 12.88
CA VAL B 37 7.79 1.49 12.18
C VAL B 37 7.85 0.32 11.22
N LYS B 38 6.91 -0.61 11.35
CA LYS B 38 6.87 -1.75 10.45
C LYS B 38 6.58 -1.11 9.08
N GLU B 39 7.11 -1.74 8.02
CA GLU B 39 7.03 -1.27 6.64
C GLU B 39 5.58 -0.97 6.21
N GLU B 40 4.63 -1.79 6.63
CA GLU B 40 3.22 -1.56 6.26
C GLU B 40 2.55 -0.50 7.14
N ALA B 41 3.31 0.18 7.99
CA ALA B 41 2.76 1.21 8.87
C ALA B 41 3.24 2.63 8.53
N LYS B 42 4.31 2.70 7.75
CA LYS B 42 5.04 3.96 7.57
C LYS B 42 4.21 5.08 6.97
N MET B 43 3.34 4.73 6.05
CA MET B 43 2.67 5.74 5.29
C MET B 43 1.73 6.49 6.23
N VAL B 44 0.81 5.78 6.89
CA VAL B 44 -0.11 6.42 7.85
C VAL B 44 0.66 7.22 8.90
N TYR B 45 1.82 6.70 9.27
CA TYR B 45 2.63 7.37 10.25
C TYR B 45 3.25 8.61 9.67
N LEU B 46 3.70 8.52 8.43
CA LEU B 46 4.34 9.65 7.80
C LEU B 46 3.41 10.83 7.90
N LEU B 47 2.15 10.58 7.58
CA LEU B 47 1.10 11.61 7.67
C LEU B 47 1.08 12.29 9.01
N GLU B 48 1.13 11.47 10.06
CA GLU B 48 1.05 11.99 11.41
C GLU B 48 2.30 12.80 11.70
N CYS B 49 3.45 12.26 11.27
CA CYS B 49 4.73 12.91 11.47
C CYS B 49 4.80 14.31 10.89
N LEU B 50 4.06 14.59 9.83
CA LEU B 50 4.15 15.94 9.23
C LEU B 50 3.62 17.01 10.18
N GLN B 51 2.83 16.62 11.17
CA GLN B 51 2.29 17.56 12.14
C GLN B 51 3.26 18.01 13.26
N LYS B 52 4.46 17.43 13.37
CA LYS B 52 5.39 17.83 14.44
C LYS B 52 5.94 19.25 14.28
N THR B 53 5.74 19.83 13.10
CA THR B 53 6.47 21.01 12.67
C THR B 53 5.70 21.76 11.62
N PRO B 54 5.87 23.08 11.56
CA PRO B 54 5.41 23.79 10.39
C PRO B 54 6.34 23.48 9.20
N PRO B 55 5.87 23.69 7.94
CA PRO B 55 6.74 23.43 6.81
C PRO B 55 7.93 24.39 6.79
N PRO B 56 8.90 24.16 5.90
CA PRO B 56 8.93 23.09 4.90
C PRO B 56 9.49 21.80 5.47
N VAL B 57 9.07 20.66 4.91
CA VAL B 57 9.64 19.37 5.27
C VAL B 57 10.18 18.57 4.07
N LEU B 58 11.16 17.72 4.35
CA LEU B 58 11.83 16.96 3.32
C LEU B 58 11.75 15.47 3.66
N ILE B 59 11.23 14.68 2.73
CA ILE B 59 11.12 13.26 2.98
C ILE B 59 12.12 12.62 2.06
N PHE B 60 13.04 11.89 2.65
CA PHE B 60 13.91 11.06 1.86
C PHE B 60 13.39 9.61 1.80
N ALA B 61 13.64 8.94 0.66
CA ALA B 61 13.51 7.50 0.50
C ALA B 61 14.58 7.02 -0.52
N GLU B 62 15.18 5.85 -0.35
CA GLU B 62 16.21 5.44 -1.30
C GLU B 62 15.64 5.19 -2.72
N LYS B 63 14.42 4.67 -2.81
CA LYS B 63 13.90 4.17 -4.08
C LYS B 63 12.85 5.12 -4.66
N LYS B 64 12.91 5.28 -5.97
CA LYS B 64 12.04 6.24 -6.65
C LYS B 64 10.60 5.74 -6.60
N ALA B 65 10.42 4.44 -6.78
CA ALA B 65 9.16 3.79 -6.47
C ALA B 65 8.58 4.39 -5.19
N ASP B 66 9.36 4.41 -4.12
CA ASP B 66 8.84 4.91 -2.85
C ASP B 66 8.61 6.38 -2.79
N VAL B 67 9.44 7.17 -3.48
CA VAL B 67 9.31 8.63 -3.47
C VAL B 67 8.00 8.94 -4.19
N ASP B 68 7.80 8.31 -5.33
CA ASP B 68 6.52 8.43 -6.05
C ASP B 68 5.33 7.96 -5.21
N ALA B 69 5.48 6.84 -4.52
CA ALA B 69 4.38 6.33 -3.66
C ALA B 69 4.00 7.37 -2.63
N ILE B 70 5.00 7.86 -1.90
CA ILE B 70 4.79 8.87 -0.84
C ILE B 70 4.11 10.07 -1.46
N HIS B 71 4.64 10.54 -2.59
CA HIS B 71 4.15 11.76 -3.21
C HIS B 71 2.66 11.58 -3.49
N GLU B 72 2.29 10.49 -4.15
CA GLU B 72 0.87 10.21 -4.47
C GLU B 72 0.00 10.17 -3.24
N TYR B 73 0.54 9.58 -2.18
CA TYR B 73 -0.21 9.44 -0.99
C TYR B 73 -0.50 10.80 -0.40
N LEU B 74 0.54 11.62 -0.30
CA LEU B 74 0.39 12.94 0.31
C LEU B 74 -0.65 13.77 -0.46
N LEU B 75 -0.65 13.66 -1.78
CA LEU B 75 -1.65 14.38 -2.60
C LEU B 75 -3.06 13.86 -2.36
N LEU B 76 -3.22 12.53 -2.25
CA LEU B 76 -4.53 11.93 -1.98
C LEU B 76 -5.09 12.42 -0.63
N LYS B 77 -4.19 12.75 0.27
CA LYS B 77 -4.59 13.13 1.62
C LYS B 77 -4.54 14.67 1.72
N GLY B 78 -4.29 15.33 0.60
CA GLY B 78 -4.38 16.79 0.49
C GLY B 78 -3.23 17.62 1.05
N VAL B 79 -2.02 17.07 1.04
CA VAL B 79 -0.80 17.78 1.48
C VAL B 79 -0.11 18.35 0.26
N GLU B 80 0.48 19.54 0.38
CA GLU B 80 1.05 20.20 -0.79
C GLU B 80 2.46 19.75 -0.99
N ALA B 81 2.61 18.67 -1.74
CA ALA B 81 3.89 18.01 -1.88
C ALA B 81 4.35 17.98 -3.32
N VAL B 82 5.67 17.92 -3.49
CA VAL B 82 6.31 17.73 -4.78
C VAL B 82 7.41 16.70 -4.60
N ALA B 83 8.05 16.30 -5.70
CA ALA B 83 8.90 15.11 -5.69
C ALA B 83 10.07 15.18 -6.65
N ILE B 84 11.24 14.75 -6.24
CA ILE B 84 12.41 14.76 -7.09
C ILE B 84 13.06 13.39 -7.08
N HIS B 85 13.20 12.79 -8.26
CA HIS B 85 14.09 11.64 -8.40
C HIS B 85 14.59 11.54 -9.81
N GLY B 86 15.47 10.58 -10.08
CA GLY B 86 16.14 10.52 -11.37
C GLY B 86 15.28 10.10 -12.56
N GLY B 87 14.03 9.74 -12.31
CA GLY B 87 13.11 9.40 -13.39
C GLY B 87 12.27 10.57 -13.86
N LYS B 88 12.43 11.73 -13.22
CA LYS B 88 11.76 12.96 -13.63
C LYS B 88 12.60 13.71 -14.68
N ASP B 89 11.96 14.22 -15.74
CA ASP B 89 12.65 15.09 -16.71
C ASP B 89 13.08 16.44 -16.07
N GLN B 90 13.54 17.37 -16.90
CA GLN B 90 14.15 18.59 -16.43
C GLN B 90 13.07 19.57 -16.05
N GLU B 91 12.05 19.68 -16.88
CA GLU B 91 10.94 20.55 -16.58
C GLU B 91 10.42 20.26 -15.17
N GLU B 92 9.96 19.03 -14.96
CA GLU B 92 9.35 18.62 -13.68
C GLU B 92 10.29 18.87 -12.51
N ARG B 93 11.52 18.39 -12.63
CA ARG B 93 12.51 18.60 -11.56
C ARG B 93 12.71 20.08 -11.20
N THR B 94 12.84 20.90 -12.25
CA THR B 94 12.84 22.35 -12.15
C THR B 94 11.61 22.90 -11.42
N LYS B 95 10.40 22.50 -11.82
CA LYS B 95 9.15 22.95 -11.19
C LYS B 95 9.12 22.65 -9.68
N ALA B 96 9.54 21.44 -9.32
CA ALA B 96 9.48 20.98 -7.94
C ALA B 96 10.45 21.74 -7.05
N ILE B 97 11.71 21.86 -7.50
CA ILE B 97 12.74 22.51 -6.68
C ILE B 97 12.45 24.01 -6.56
N GLU B 98 11.94 24.63 -7.62
CA GLU B 98 11.55 26.05 -7.57
C GLU B 98 10.46 26.28 -6.53
N ALA B 99 9.37 25.54 -6.69
CA ALA B 99 8.20 25.67 -5.81
C ALA B 99 8.56 25.46 -4.36
N PHE B 100 9.35 24.43 -4.12
CA PHE B 100 9.77 24.09 -2.78
C PHE B 100 10.59 25.24 -2.24
N ARG B 101 11.52 25.72 -3.05
CA ARG B 101 12.40 26.79 -2.61
C ARG B 101 11.69 28.15 -2.41
N GLU B 102 10.54 28.35 -3.04
CA GLU B 102 9.79 29.61 -2.88
C GLU B 102 8.78 29.57 -1.75
N GLY B 103 8.75 28.46 -1.01
CA GLY B 103 7.74 28.25 0.01
C GLY B 103 6.37 28.05 -0.60
N LYS B 104 6.31 27.57 -1.85
CA LYS B 104 5.02 27.37 -2.51
C LYS B 104 4.46 25.97 -2.25
N LYS B 105 5.33 25.04 -1.96
CA LYS B 105 4.92 23.69 -1.70
C LYS B 105 5.50 23.39 -0.35
N ASP B 106 4.79 22.60 0.46
CA ASP B 106 5.18 22.38 1.85
C ASP B 106 6.20 21.30 2.01
N VAL B 107 6.09 20.24 1.20
CA VAL B 107 6.89 19.06 1.34
C VAL B 107 7.62 18.74 0.05
N LEU B 108 8.82 18.20 0.18
CA LEU B 108 9.54 17.66 -0.95
C LEU B 108 9.93 16.26 -0.61
N VAL B 109 9.65 15.33 -1.51
CA VAL B 109 10.08 13.96 -1.35
C VAL B 109 11.19 13.82 -2.36
N ALA B 110 12.29 13.20 -1.96
CA ALA B 110 13.46 13.10 -2.81
C ALA B 110 14.22 11.86 -2.45
N THR B 111 14.82 11.23 -3.44
CA THR B 111 15.91 10.32 -3.19
C THR B 111 17.08 11.20 -2.81
N ASP B 112 18.09 10.57 -2.25
CA ASP B 112 19.28 11.30 -1.83
C ASP B 112 19.94 11.96 -3.05
N VAL B 113 20.33 11.10 -3.99
CA VAL B 113 21.05 11.50 -5.17
C VAL B 113 20.38 12.66 -5.90
N ALA B 114 19.06 12.62 -6.07
CA ALA B 114 18.34 13.73 -6.73
C ALA B 114 18.39 15.06 -5.99
N SER B 115 18.66 15.00 -4.69
CA SER B 115 18.63 16.16 -3.84
C SER B 115 19.99 16.73 -3.68
N LYS B 116 21.01 16.03 -4.15
CA LYS B 116 22.36 16.54 -3.98
C LYS B 116 22.69 17.77 -4.84
N GLY B 117 23.43 18.68 -4.25
CA GLY B 117 23.77 19.93 -4.89
C GLY B 117 22.69 20.93 -4.61
N LEU B 118 21.48 20.45 -4.37
CA LEU B 118 20.33 21.34 -4.31
C LEU B 118 20.48 22.26 -3.12
N ASP B 119 19.89 23.44 -3.25
CA ASP B 119 19.97 24.48 -2.23
C ASP B 119 18.58 24.69 -1.71
N PHE B 120 18.33 24.18 -0.51
CA PHE B 120 16.97 24.21 0.03
C PHE B 120 16.81 25.42 0.95
N PRO B 121 15.55 25.80 1.24
CA PRO B 121 15.38 26.84 2.25
C PRO B 121 15.46 26.14 3.61
N ALA B 122 15.38 26.91 4.72
CA ALA B 122 15.44 26.36 6.07
C ALA B 122 14.40 25.25 6.25
N ILE B 123 14.87 24.01 6.23
CA ILE B 123 14.01 22.85 6.46
C ILE B 123 13.72 22.70 7.96
N GLN B 124 12.43 22.59 8.32
CA GLN B 124 12.05 22.45 9.73
C GLN B 124 12.08 20.98 10.21
N HIS B 125 11.97 20.04 9.29
CA HIS B 125 11.84 18.63 9.62
C HIS B 125 12.31 17.77 8.44
N VAL B 126 13.30 16.90 8.70
CA VAL B 126 13.73 15.88 7.75
C VAL B 126 13.11 14.55 8.20
N ILE B 127 12.22 13.98 7.38
CA ILE B 127 11.68 12.66 7.65
C ILE B 127 12.41 11.64 6.81
N ASN B 128 13.16 10.76 7.45
CA ASN B 128 13.79 9.66 6.73
C ASN B 128 12.83 8.47 6.67
N TYR B 129 12.18 8.26 5.53
CA TYR B 129 11.17 7.21 5.39
C TYR B 129 11.82 5.85 5.40
N ASP B 130 13.11 5.79 5.08
CA ASP B 130 13.86 4.54 5.27
C ASP B 130 15.21 4.84 5.89
N MET B 131 15.90 3.82 6.41
CA MET B 131 17.24 4.02 7.02
C MET B 131 18.31 3.60 6.00
N PRO B 132 19.29 4.46 5.72
CA PRO B 132 20.32 4.09 4.78
C PRO B 132 21.21 3.04 5.32
N GLU B 133 21.75 2.24 4.38
CA GLU B 133 22.57 1.11 4.72
C GLU B 133 23.89 1.56 5.41
N GLU B 134 24.22 2.85 5.34
CA GLU B 134 25.52 3.37 5.75
C GLU B 134 25.37 4.63 6.58
N ILE B 135 25.82 4.61 7.83
CA ILE B 135 25.54 5.70 8.77
C ILE B 135 25.99 7.10 8.29
N GLU B 136 27.10 7.17 7.56
CA GLU B 136 27.56 8.43 6.95
C GLU B 136 26.41 9.11 6.23
N ASN B 137 25.74 8.35 5.38
CA ASN B 137 24.56 8.83 4.67
C ASN B 137 23.41 9.26 5.58
N TYR B 138 23.29 8.71 6.79
CA TYR B 138 22.20 9.16 7.71
C TYR B 138 22.53 10.59 8.16
N VAL B 139 23.82 10.83 8.39
CA VAL B 139 24.33 12.10 8.89
C VAL B 139 24.10 13.21 7.85
N HIS B 140 24.56 12.96 6.63
CA HIS B 140 24.27 13.90 5.53
C HIS B 140 22.75 14.21 5.42
N ARG B 141 21.87 13.23 5.62
CA ARG B 141 20.45 13.51 5.44
C ARG B 141 19.95 14.42 6.54
N ILE B 142 20.23 14.05 7.79
CA ILE B 142 19.73 14.82 8.92
C ILE B 142 20.42 16.15 8.97
N GLY B 143 21.59 16.22 8.36
CA GLY B 143 22.30 17.48 8.26
C GLY B 143 21.59 18.48 7.38
N ARG B 144 20.49 18.10 6.75
CA ARG B 144 19.77 19.04 5.96
C ARG B 144 18.88 19.88 6.81
N THR B 145 18.84 19.63 8.11
CA THR B 145 18.07 20.46 9.03
C THR B 145 18.97 20.93 10.18
N GLY B 146 18.51 21.92 10.92
CA GLY B 146 19.26 22.47 12.05
C GLY B 146 20.42 23.40 11.71
N CYS B 147 20.32 24.18 10.64
CA CYS B 147 21.40 25.13 10.26
C CYS B 147 21.35 26.55 10.77
N SER B 148 20.53 26.89 11.77
CA SER B 148 20.46 28.32 12.21
C SER B 148 20.30 28.52 13.72
N THR B 151 17.07 25.38 15.12
CA THR B 151 17.16 23.95 15.41
C THR B 151 15.94 23.22 14.82
N GLY B 152 16.10 21.94 14.49
CA GLY B 152 15.08 21.22 13.69
C GLY B 152 14.97 19.75 14.04
N ILE B 153 14.00 19.07 13.43
CA ILE B 153 13.68 17.71 13.78
C ILE B 153 14.08 16.76 12.66
N ALA B 154 14.81 15.68 12.98
CA ALA B 154 15.06 14.56 12.07
C ALA B 154 14.40 13.28 12.60
N THR B 155 13.33 12.84 11.92
CA THR B 155 12.62 11.59 12.28
C THR B 155 13.07 10.53 11.34
N THR B 156 13.41 9.35 11.85
CA THR B 156 13.87 8.25 11.01
C THR B 156 13.12 6.96 11.41
N PHE B 157 12.60 6.24 10.42
CA PHE B 157 11.85 5.03 10.63
C PHE B 157 12.84 3.86 10.47
N ILE B 158 13.02 3.02 11.50
CA ILE B 158 13.87 1.83 11.43
C ILE B 158 12.98 0.59 11.61
N ASN B 159 13.41 -0.55 11.06
CA ASN B 159 12.72 -1.83 11.31
C ASN B 159 13.63 -3.03 11.03
N LYS B 160 13.01 -4.20 11.00
CA LYS B 160 13.70 -5.47 10.86
C LYS B 160 14.68 -5.48 9.68
N ALA B 161 14.40 -4.75 8.62
CA ALA B 161 15.18 -4.87 7.39
C ALA B 161 16.56 -4.26 7.52
N CYS B 162 16.76 -3.42 8.53
CA CYS B 162 18.08 -2.86 8.79
C CYS B 162 19.08 -3.86 9.31
N ASP B 163 20.34 -3.72 8.91
CA ASP B 163 21.43 -4.50 9.52
C ASP B 163 21.75 -4.02 10.91
N GLU B 164 22.34 -4.94 11.70
CA GLU B 164 22.82 -4.66 13.05
C GLU B 164 23.92 -3.58 12.98
N SER B 165 24.80 -3.71 12.00
CA SER B 165 25.83 -2.72 11.67
C SER B 165 25.33 -1.26 11.85
N VAL B 166 24.43 -0.80 10.96
CA VAL B 166 23.93 0.60 11.03
C VAL B 166 23.18 0.95 12.30
N LEU B 167 22.38 0.01 12.79
CA LEU B 167 21.58 0.28 13.97
C LEU B 167 22.50 0.49 15.16
N MET B 168 23.60 -0.25 15.24
CA MET B 168 24.58 0.02 16.30
C MET B 168 25.39 1.29 16.02
N ASP B 169 25.58 1.65 14.76
CA ASP B 169 26.09 2.98 14.50
C ASP B 169 25.10 4.08 14.86
N LEU B 170 23.83 3.90 14.52
CA LEU B 170 22.80 4.87 14.90
C LEU B 170 22.79 5.00 16.43
N LYS B 171 22.87 3.87 17.12
CA LYS B 171 22.79 3.87 18.57
C LYS B 171 23.93 4.71 19.13
N ALA B 172 25.15 4.46 18.65
CA ALA B 172 26.31 5.18 19.17
C ALA B 172 26.17 6.64 18.83
N LEU B 173 25.73 6.93 17.62
CA LEU B 173 25.53 8.31 17.22
C LEU B 173 24.47 8.99 18.10
N LEU B 174 23.31 8.34 18.26
CA LEU B 174 22.24 8.91 19.09
C LEU B 174 22.72 9.23 20.52
N LEU B 175 23.58 8.38 21.06
CA LEU B 175 24.15 8.57 22.39
C LEU B 175 25.17 9.70 22.47
N GLU B 176 26.13 9.68 21.56
CA GLU B 176 27.08 10.81 21.39
C GLU B 176 26.39 12.14 21.21
N ALA B 177 25.24 12.13 20.55
CA ALA B 177 24.47 13.35 20.30
C ALA B 177 23.59 13.72 21.47
N LYS B 178 23.43 12.82 22.45
CA LYS B 178 22.59 13.04 23.64
C LYS B 178 21.10 13.06 23.29
N GLN B 179 20.70 12.08 22.49
CA GLN B 179 19.32 11.90 22.04
C GLN B 179 18.67 10.66 22.66
N LYS B 180 17.35 10.63 22.59
CA LYS B 180 16.60 9.50 23.06
C LYS B 180 17.03 8.31 22.22
N VAL B 181 17.30 7.20 22.89
CA VAL B 181 17.60 5.95 22.20
C VAL B 181 16.31 5.13 22.21
N PRO B 182 15.78 4.77 21.02
CA PRO B 182 14.50 4.07 21.08
C PRO B 182 14.69 2.72 21.72
N PRO B 183 13.61 2.15 22.24
CA PRO B 183 13.75 0.99 23.12
C PRO B 183 14.32 -0.19 22.36
N VAL B 184 13.73 -0.43 21.19
CA VAL B 184 14.25 -1.30 20.16
C VAL B 184 15.77 -1.39 20.08
N LEU B 185 16.47 -0.27 20.24
CA LEU B 185 17.93 -0.32 20.09
C LEU B 185 18.67 -0.77 21.37
N GLN B 186 18.01 -0.65 22.52
CA GLN B 186 18.57 -1.08 23.83
C GLN B 186 18.83 -2.58 24.05
N VAL B 187 19.71 -2.87 25.01
CA VAL B 187 20.26 -4.22 25.33
C VAL B 187 20.71 -5.04 24.11
#